data_3UQB
#
_entry.id   3UQB
#
_cell.length_a   36.370
_cell.length_b   32.640
_cell.length_c   77.000
_cell.angle_alpha   90.000
_cell.angle_beta   90.810
_cell.angle_gamma   90.000
#
_symmetry.space_group_name_H-M   'P 1 21 1'
#
loop_
_entity.id
_entity.type
_entity.pdbx_description
1 polymer 'Ubiquitin-like protein SMT3, Peptidyl-prolyl cis-trans isomerase'
2 non-polymer 8-DEETHYL-8-[BUT-3-ENYL]-ASCOMYCIN
3 water water
#
_entity_poly.entity_id   1
_entity_poly.type   'polypeptide(L)'
_entity_poly.pdbx_seq_one_letter_code
;MGHHHHHHSGEVKPEVKPETHINLKVSDGSSEIFFKIKKTTPLRRLMEAFAKRQGKEMDSLRFLYDGIRIQADQTPEDLD
MEDNDIIEAHREQIGGSTVVTTESGLKYEDLTEGSGAEARAGQTVSVHYTGWLTDGQKFGSSKDRNDPFAFVLGGGMVIK
GWDEGVQGMKVGGVRRLTIPPQLGYGARGAGGVIPPNATLVFEVELLDV
;
_entity_poly.pdbx_strand_id   A
#
loop_
_chem_comp.id
_chem_comp.type
_chem_comp.name
_chem_comp.formula
FK5 non-polymer 8-DEETHYL-8-[BUT-3-ENYL]-ASCOMYCIN 'C44 H69 N O12'
#
# COMPACT_ATOMS: atom_id res chain seq x y z
N PRO A 18 -22.15 13.45 -17.20
CA PRO A 18 -22.81 12.85 -16.02
C PRO A 18 -23.66 11.60 -16.30
N GLU A 19 -24.47 11.63 -17.37
CA GLU A 19 -25.37 10.52 -17.70
C GLU A 19 -24.63 9.26 -18.22
N THR A 20 -23.62 9.48 -19.05
CA THR A 20 -23.01 8.40 -19.79
C THR A 20 -21.77 7.85 -19.06
N HIS A 21 -21.08 8.69 -18.26
CA HIS A 21 -19.80 8.30 -17.64
C HIS A 21 -19.92 8.26 -16.14
N ILE A 22 -19.03 7.51 -15.49
CA ILE A 22 -19.08 7.30 -14.04
C ILE A 22 -17.67 7.44 -13.49
N ASN A 23 -17.55 8.06 -12.31
CA ASN A 23 -16.31 8.19 -11.57
CA ASN A 23 -16.24 8.19 -11.62
C ASN A 23 -16.27 7.14 -10.48
N LEU A 24 -15.23 6.33 -10.45
CA LEU A 24 -15.11 5.26 -9.46
C LEU A 24 -13.83 5.44 -8.68
N LYS A 25 -13.87 5.12 -7.38
CA LYS A 25 -12.72 5.28 -6.49
C LYS A 25 -12.09 3.90 -6.37
N VAL A 26 -10.77 3.78 -6.57
CA VAL A 26 -10.06 2.52 -6.36
C VAL A 26 -9.10 2.69 -5.19
N SER A 27 -9.26 1.84 -4.19
CA SER A 27 -8.45 1.82 -2.96
C SER A 27 -7.65 0.53 -2.91
N ASP A 28 -6.36 0.64 -2.56
CA ASP A 28 -5.51 -0.52 -2.37
C ASP A 28 -5.03 -0.75 -0.92
N GLY A 29 -5.68 -0.09 0.02
CA GLY A 29 -5.31 -0.10 1.43
C GLY A 29 -4.27 0.92 1.82
N SER A 30 -3.65 1.59 0.84
CA SER A 30 -2.58 2.60 1.07
C SER A 30 -2.98 3.99 0.52
N SER A 31 -3.53 4.03 -0.68
CA SER A 31 -3.98 5.28 -1.27
CA SER A 31 -4.03 5.30 -1.20
C SER A 31 -5.25 5.05 -2.09
N GLU A 32 -5.84 6.14 -2.54
CA GLU A 32 -7.06 6.10 -3.34
C GLU A 32 -6.82 6.97 -4.55
N ILE A 33 -7.22 6.46 -5.71
CA ILE A 33 -7.28 7.28 -6.89
C ILE A 33 -8.60 6.98 -7.61
N PHE A 34 -8.96 7.85 -8.56
CA PHE A 34 -10.29 7.81 -9.17
C PHE A 34 -10.16 7.57 -10.68
N PHE A 35 -11.15 6.91 -11.25
CA PHE A 35 -11.17 6.61 -12.67
C PHE A 35 -12.55 6.96 -13.22
N LYS A 36 -12.59 7.78 -14.26
CA LYS A 36 -13.83 8.10 -14.96
C LYS A 36 -13.85 7.29 -16.23
N ILE A 37 -14.82 6.39 -16.35
CA ILE A 37 -15.03 5.62 -17.58
C ILE A 37 -16.49 5.69 -17.96
N LYS A 38 -16.79 5.34 -19.21
CA LYS A 38 -18.18 5.31 -19.69
C LYS A 38 -18.83 4.14 -19.00
N LYS A 39 -20.11 4.25 -18.63
CA LYS A 39 -20.81 3.13 -17.92
C LYS A 39 -20.87 1.80 -18.74
N THR A 40 -20.69 1.89 -20.05
CA THR A 40 -20.68 0.74 -20.98
C THR A 40 -19.26 0.20 -21.31
N THR A 41 -18.24 0.85 -20.75
CA THR A 41 -16.86 0.40 -20.95
C THR A 41 -16.52 -0.73 -19.96
N PRO A 42 -15.90 -1.81 -20.47
CA PRO A 42 -15.52 -2.86 -19.55
C PRO A 42 -14.48 -2.40 -18.53
N LEU A 43 -14.63 -2.89 -17.30
CA LEU A 43 -13.77 -2.56 -16.21
C LEU A 43 -12.29 -2.95 -16.46
N ARG A 44 -12.04 -3.76 -17.49
CA ARG A 44 -10.67 -4.00 -17.94
C ARG A 44 -9.90 -2.71 -18.15
N ARG A 45 -10.53 -1.71 -18.76
CA ARG A 45 -9.85 -0.45 -19.07
C ARG A 45 -9.37 0.25 -17.81
N LEU A 46 -10.23 0.20 -16.78
CA LEU A 46 -9.92 0.73 -15.45
C LEU A 46 -8.85 -0.08 -14.76
N MET A 47 -8.99 -1.41 -14.78
CA MET A 47 -8.02 -2.30 -14.14
CA MET A 47 -8.00 -2.30 -14.16
C MET A 47 -6.62 -2.11 -14.77
N GLU A 48 -6.57 -2.02 -16.10
CA GLU A 48 -5.28 -1.81 -16.79
C GLU A 48 -4.64 -0.45 -16.47
N ALA A 49 -5.44 0.60 -16.45
CA ALA A 49 -4.97 1.93 -16.07
C ALA A 49 -4.40 1.91 -14.64
N PHE A 50 -5.09 1.23 -13.72
CA PHE A 50 -4.62 1.11 -12.34
C PHE A 50 -3.31 0.36 -12.29
N ALA A 51 -3.26 -0.80 -12.94
CA ALA A 51 -2.05 -1.63 -12.95
C ALA A 51 -0.85 -0.83 -13.50
N LYS A 52 -1.02 -0.23 -14.67
CA LYS A 52 0.04 0.56 -15.31
C LYS A 52 0.50 1.71 -14.45
N ARG A 53 -0.44 2.44 -13.87
CA ARG A 53 -0.07 3.54 -13.02
C ARG A 53 0.85 3.05 -11.90
N GLN A 54 0.56 1.86 -11.37
CA GLN A 54 1.34 1.30 -10.25
C GLN A 54 2.56 0.50 -10.66
N GLY A 55 2.72 0.28 -11.96
CA GLY A 55 3.83 -0.50 -12.50
C GLY A 55 3.69 -1.99 -12.21
N LYS A 56 2.44 -2.45 -12.11
CA LYS A 56 2.12 -3.83 -11.74
C LYS A 56 1.50 -4.60 -12.91
N GLU A 57 1.76 -5.90 -12.96
CA GLU A 57 1.15 -6.77 -13.94
C GLU A 57 -0.29 -7.04 -13.55
N MET A 58 -1.17 -7.03 -14.54
CA MET A 58 -2.61 -7.36 -14.38
C MET A 58 -2.89 -8.71 -13.71
N ASP A 59 -2.03 -9.70 -13.95
CA ASP A 59 -2.21 -11.04 -13.38
C ASP A 59 -2.05 -11.07 -11.86
N SER A 60 -1.41 -10.05 -11.29
CA SER A 60 -1.11 -10.04 -9.87
C SER A 60 -2.11 -9.20 -9.09
N LEU A 61 -3.15 -8.70 -9.75
CA LEU A 61 -4.13 -7.83 -9.09
C LEU A 61 -5.48 -8.49 -9.07
N ARG A 62 -6.23 -8.35 -7.98
CA ARG A 62 -7.60 -8.86 -7.91
C ARG A 62 -8.46 -7.67 -7.43
N PHE A 63 -9.61 -7.45 -8.07
CA PHE A 63 -10.46 -6.28 -7.78
C PHE A 63 -11.80 -6.74 -7.26
N LEU A 64 -12.28 -6.12 -6.18
CA LEU A 64 -13.56 -6.47 -5.58
C LEU A 64 -14.44 -5.25 -5.52
N TYR A 65 -15.75 -5.46 -5.70
CA TYR A 65 -16.78 -4.44 -5.53
C TYR A 65 -17.94 -5.04 -4.76
N ASP A 66 -18.30 -4.40 -3.65
CA ASP A 66 -19.34 -4.90 -2.74
C ASP A 66 -19.08 -6.36 -2.37
N GLY A 67 -17.82 -6.71 -2.19
CA GLY A 67 -17.43 -8.05 -1.80
C GLY A 67 -17.45 -9.12 -2.88
N ILE A 68 -17.70 -8.72 -4.12
CA ILE A 68 -17.79 -9.67 -5.22
C ILE A 68 -16.61 -9.44 -6.17
N ARG A 69 -16.02 -10.53 -6.61
CA ARG A 69 -14.88 -10.47 -7.49
C ARG A 69 -15.30 -9.92 -8.86
N ILE A 70 -14.63 -8.87 -9.32
CA ILE A 70 -14.94 -8.24 -10.62
C ILE A 70 -14.22 -9.00 -11.71
N GLN A 71 -14.85 -9.15 -12.88
CA GLN A 71 -14.19 -9.73 -14.04
C GLN A 71 -13.98 -8.65 -15.07
N ALA A 72 -12.92 -8.79 -15.87
CA ALA A 72 -12.49 -7.69 -16.73
C ALA A 72 -13.53 -7.30 -17.78
N ASP A 73 -14.41 -8.24 -18.17
CA ASP A 73 -15.37 -7.98 -19.23
C ASP A 73 -16.68 -7.39 -18.73
N GLN A 74 -16.80 -7.20 -17.43
CA GLN A 74 -18.00 -6.60 -16.81
C GLN A 74 -17.91 -5.08 -16.87
N THR A 75 -19.06 -4.41 -17.01
CA THR A 75 -19.13 -2.96 -17.09
C THR A 75 -19.75 -2.39 -15.81
N PRO A 76 -19.52 -1.10 -15.55
CA PRO A 76 -20.22 -0.47 -14.41
C PRO A 76 -21.75 -0.63 -14.46
N GLU A 77 -22.32 -0.58 -15.66
CA GLU A 77 -23.75 -0.82 -15.87
C GLU A 77 -24.15 -2.23 -15.39
N ASP A 78 -23.37 -3.23 -15.81
CA ASP A 78 -23.64 -4.62 -15.40
C ASP A 78 -23.76 -4.75 -13.90
N LEU A 79 -22.89 -4.03 -13.18
CA LEU A 79 -22.80 -4.17 -11.74
C LEU A 79 -23.60 -3.13 -10.94
N ASP A 80 -24.37 -2.32 -11.65
CA ASP A 80 -25.25 -1.30 -11.03
C ASP A 80 -24.44 -0.32 -10.22
N MET A 81 -23.29 0.08 -10.73
CA MET A 81 -22.41 0.94 -9.98
C MET A 81 -22.93 2.36 -10.05
N GLU A 82 -22.60 3.14 -9.02
CA GLU A 82 -22.96 4.55 -8.97
C GLU A 82 -21.72 5.39 -8.72
N ASP A 83 -21.82 6.66 -9.07
CA ASP A 83 -20.68 7.55 -8.95
C ASP A 83 -20.08 7.54 -7.51
N ASN A 84 -18.74 7.46 -7.44
CA ASN A 84 -17.98 7.48 -6.17
CA ASN A 84 -17.94 7.45 -6.21
C ASN A 84 -17.98 6.13 -5.43
N ASP A 85 -18.54 5.10 -6.03
CA ASP A 85 -18.50 3.74 -5.46
C ASP A 85 -17.04 3.33 -5.38
N ILE A 86 -16.73 2.42 -4.45
CA ILE A 86 -15.35 2.01 -4.18
C ILE A 86 -15.11 0.61 -4.74
N ILE A 87 -14.05 0.47 -5.51
CA ILE A 87 -13.54 -0.81 -5.92
C ILE A 87 -12.27 -1.06 -5.09
N GLU A 88 -12.13 -2.25 -4.50
CA GLU A 88 -10.90 -2.62 -3.79
C GLU A 88 -9.90 -3.35 -4.69
N ALA A 89 -8.68 -2.84 -4.77
CA ALA A 89 -7.61 -3.50 -5.52
C ALA A 89 -6.74 -4.26 -4.52
N HIS A 90 -6.70 -5.59 -4.63
CA HIS A 90 -5.84 -6.43 -3.77
C HIS A 90 -4.60 -6.94 -4.46
N ARG A 91 -3.45 -6.56 -3.88
CA ARG A 91 -2.12 -6.94 -4.40
C ARG A 91 -1.50 -8.03 -3.55
N GLU A 92 -2.05 -8.24 -2.37
CA GLU A 92 -1.49 -9.19 -1.44
C GLU A 92 -1.56 -10.63 -1.93
N GLN A 93 -0.76 -11.49 -1.31
CA GLN A 93 -0.74 -12.92 -1.61
C GLN A 93 -2.16 -13.48 -1.55
N ILE A 94 -2.42 -14.48 -2.39
CA ILE A 94 -3.70 -15.19 -2.38
C ILE A 94 -3.74 -16.02 -1.11
N GLY A 95 -4.92 -16.15 -0.51
CA GLY A 95 -5.13 -16.99 0.68
C GLY A 95 -5.86 -16.29 1.82
N GLY A 96 -5.87 -14.96 1.78
CA GLY A 96 -6.45 -14.14 2.84
C GLY A 96 -5.36 -13.41 3.61
N SER A 97 -5.55 -12.12 3.79
CA SER A 97 -4.59 -11.29 4.52
C SER A 97 -4.75 -11.42 6.01
N THR A 98 -3.69 -11.08 6.72
CA THR A 98 -3.72 -11.03 8.16
C THR A 98 -3.06 -9.70 8.59
N VAL A 99 -3.75 -8.87 9.38
CA VAL A 99 -3.09 -7.65 9.92
C VAL A 99 -2.72 -7.92 11.37
N VAL A 100 -1.43 -7.77 11.67
CA VAL A 100 -0.90 -8.09 13.00
C VAL A 100 -0.78 -6.79 13.81
N THR A 101 -1.33 -6.75 15.02
CA THR A 101 -1.05 -5.66 15.99
C THR A 101 -0.18 -6.23 17.08
N THR A 102 1.03 -5.69 17.19
CA THR A 102 1.99 -6.12 18.20
C THR A 102 1.70 -5.48 19.55
N GLU A 103 2.52 -5.84 20.53
CA GLU A 103 2.42 -5.36 21.91
C GLU A 103 2.54 -3.81 21.95
N SER A 104 3.31 -3.22 21.04
CA SER A 104 3.53 -1.77 21.02
C SER A 104 2.42 -0.95 20.39
N GLY A 105 1.47 -1.60 19.73
CA GLY A 105 0.46 -0.90 18.95
C GLY A 105 0.80 -0.79 17.46
N LEU A 106 2.00 -1.17 17.09
CA LEU A 106 2.37 -1.24 15.68
C LEU A 106 1.42 -2.21 15.00
N LYS A 107 1.06 -1.91 13.76
CA LYS A 107 0.38 -2.87 12.92
C LYS A 107 1.22 -3.15 11.67
N TYR A 108 1.17 -4.40 11.22
CA TYR A 108 1.82 -4.78 9.97
C TYR A 108 1.01 -5.82 9.23
N GLU A 109 1.23 -5.84 7.94
CA GLU A 109 0.56 -6.75 7.04
C GLU A 109 1.53 -7.19 5.94
N ASP A 110 1.77 -8.49 5.85
CA ASP A 110 2.61 -8.98 4.78
C ASP A 110 1.82 -9.09 3.45
N LEU A 111 2.13 -8.21 2.53
CA LEU A 111 1.48 -8.19 1.22
C LEU A 111 2.10 -9.27 0.33
N THR A 112 3.43 -9.38 0.39
CA THR A 112 4.16 -10.46 -0.25
C THR A 112 5.09 -11.08 0.78
N GLU A 113 5.03 -12.39 0.95
CA GLU A 113 5.96 -13.07 1.84
C GLU A 113 7.28 -13.25 1.13
N GLY A 114 8.36 -12.88 1.79
CA GLY A 114 9.68 -13.02 1.20
C GLY A 114 10.15 -14.47 1.18
N SER A 115 11.04 -14.78 0.25
CA SER A 115 11.61 -16.12 0.13
C SER A 115 13.07 -16.20 0.57
N GLY A 116 13.70 -15.05 0.82
CA GLY A 116 15.13 -14.99 1.10
C GLY A 116 15.51 -14.83 2.56
N ALA A 117 16.66 -14.17 2.76
CA ALA A 117 17.26 -14.06 4.06
C ALA A 117 16.35 -13.20 4.95
N GLU A 118 16.37 -13.52 6.24
CA GLU A 118 15.54 -12.84 7.24
C GLU A 118 16.25 -11.65 7.88
N ALA A 119 15.53 -10.53 7.98
CA ALA A 119 16.08 -9.30 8.52
C ALA A 119 16.13 -9.39 10.04
N ARG A 120 17.30 -9.15 10.63
CA ARG A 120 17.50 -9.25 12.07
C ARG A 120 18.20 -8.03 12.59
N ALA A 121 18.00 -7.73 13.89
CA ALA A 121 18.63 -6.57 14.47
C ALA A 121 20.15 -6.65 14.31
N GLY A 122 20.76 -5.52 13.97
CA GLY A 122 22.21 -5.44 13.83
C GLY A 122 22.67 -5.41 12.37
N GLN A 123 21.86 -5.96 11.47
CA GLN A 123 22.20 -5.92 10.04
C GLN A 123 21.94 -4.53 9.45
N THR A 124 22.71 -4.22 8.41
CA THR A 124 22.48 -3.09 7.58
C THR A 124 21.65 -3.56 6.42
N VAL A 125 20.36 -3.25 6.48
CA VAL A 125 19.38 -3.76 5.53
C VAL A 125 19.08 -2.75 4.47
N SER A 126 18.69 -3.25 3.31
CA SER A 126 18.46 -2.41 2.14
CA SER A 126 18.46 -2.41 2.15
C SER A 126 17.01 -2.60 1.72
N VAL A 127 16.28 -1.49 1.59
CA VAL A 127 14.84 -1.55 1.25
C VAL A 127 14.49 -0.52 0.21
N HIS A 128 13.34 -0.72 -0.43
CA HIS A 128 12.61 0.38 -1.07
C HIS A 128 11.40 0.64 -0.27
N TYR A 129 10.98 1.89 -0.23
CA TYR A 129 9.73 2.23 0.49
C TYR A 129 8.97 3.36 -0.15
N THR A 130 7.70 3.41 0.22
CA THR A 130 6.83 4.55 0.06
C THR A 130 6.06 4.75 1.36
N GLY A 131 5.78 6.00 1.69
CA GLY A 131 5.06 6.35 2.89
C GLY A 131 3.90 7.26 2.54
N TRP A 132 2.74 6.97 3.13
CA TRP A 132 1.55 7.81 3.01
C TRP A 132 1.00 8.18 4.35
N LEU A 133 0.33 9.33 4.42
CA LEU A 133 -0.59 9.60 5.54
C LEU A 133 -1.90 8.78 5.39
N THR A 134 -2.73 8.78 6.43
CA THR A 134 -3.91 7.90 6.47
C THR A 134 -4.97 8.36 5.45
N ASP A 135 -4.82 9.57 4.92
CA ASP A 135 -5.66 10.04 3.81
C ASP A 135 -5.15 9.70 2.39
N GLY A 136 -4.06 8.92 2.31
CA GLY A 136 -3.50 8.49 1.05
C GLY A 136 -2.57 9.50 0.38
N GLN A 137 -2.23 10.61 1.06
CA GLN A 137 -1.22 11.51 0.53
C GLN A 137 0.15 10.94 0.78
N LYS A 138 0.89 10.74 -0.30
CA LYS A 138 2.28 10.30 -0.22
C LYS A 138 3.13 11.41 0.38
N PHE A 139 3.95 11.05 1.37
CA PHE A 139 4.92 11.98 1.94
C PHE A 139 6.36 11.64 1.62
N GLY A 140 6.63 10.48 1.04
CA GLY A 140 8.04 10.14 0.80
C GLY A 140 8.21 8.82 0.08
N SER A 141 9.36 8.66 -0.60
CA SER A 141 9.64 7.40 -1.24
C SER A 141 11.08 7.34 -1.71
N SER A 142 11.64 6.14 -1.68
CA SER A 142 12.99 5.89 -2.16
C SER A 142 12.99 5.50 -3.62
N LYS A 143 11.81 5.23 -4.16
CA LYS A 143 11.67 4.69 -5.51
C LYS A 143 11.67 5.82 -6.51
N ASP A 144 11.01 6.94 -6.13
CA ASP A 144 10.82 8.14 -6.98
C ASP A 144 12.08 8.48 -7.79
N ARG A 145 13.25 8.25 -7.21
CA ARG A 145 14.53 8.14 -7.93
C ARG A 145 15.30 6.98 -7.29
N ASN A 146 16.24 6.35 -7.99
CA ASN A 146 16.86 5.12 -7.45
C ASN A 146 17.11 5.23 -5.96
N PRO A 148 18.11 2.87 -3.35
CA PRO A 148 17.63 2.06 -2.24
C PRO A 148 18.15 2.52 -0.92
N PHE A 149 17.32 2.37 0.09
CA PHE A 149 17.58 2.97 1.38
C PHE A 149 18.18 1.93 2.31
N ALA A 150 19.29 2.27 2.94
CA ALA A 150 19.93 1.34 3.84
C ALA A 150 20.02 1.93 5.23
N PHE A 151 19.80 1.07 6.23
CA PHE A 151 19.89 1.52 7.62
C PHE A 151 20.26 0.35 8.53
N VAL A 152 20.72 0.66 9.74
CA VAL A 152 21.09 -0.32 10.74
C VAL A 152 19.83 -0.73 11.50
N LEU A 153 19.38 -1.95 11.26
CA LEU A 153 18.08 -2.37 11.82
C LEU A 153 18.24 -2.58 13.32
N GLY A 154 17.29 -2.06 14.10
CA GLY A 154 17.40 -2.16 15.57
C GLY A 154 18.34 -1.16 16.19
N GLY A 155 18.84 -0.23 15.39
CA GLY A 155 19.84 0.75 15.84
C GLY A 155 19.31 1.99 16.52
N GLY A 156 17.99 2.18 16.54
CA GLY A 156 17.42 3.43 17.04
C GLY A 156 17.67 4.66 16.17
N MET A 157 18.12 4.43 14.95
CA MET A 157 18.40 5.50 13.98
C MET A 157 17.18 5.92 13.17
N VAL A 158 16.25 5.01 12.96
CA VAL A 158 14.99 5.29 12.27
C VAL A 158 13.89 5.29 13.31
N ILE A 159 12.69 5.63 12.87
CA ILE A 159 11.53 5.66 13.76
C ILE A 159 11.22 4.26 14.34
N LYS A 160 10.69 4.25 15.55
CA LYS A 160 10.51 3.01 16.28
C LYS A 160 9.72 1.97 15.49
N GLY A 161 8.71 2.42 14.77
CA GLY A 161 7.86 1.55 13.95
C GLY A 161 8.62 0.75 12.90
N TRP A 162 9.64 1.36 12.34
CA TRP A 162 10.52 0.72 11.37
C TRP A 162 11.44 -0.30 12.01
N ASP A 163 12.12 0.06 13.11
CA ASP A 163 13.03 -0.85 13.79
C ASP A 163 12.27 -2.10 14.18
N GLU A 164 11.05 -1.94 14.70
CA GLU A 164 10.25 -3.07 15.11
C GLU A 164 9.68 -3.80 13.89
N GLY A 165 9.18 -3.03 12.94
CA GLY A 165 8.37 -3.58 11.82
C GLY A 165 9.13 -4.31 10.73
N VAL A 166 10.38 -3.93 10.51
CA VAL A 166 11.18 -4.53 9.42
C VAL A 166 11.81 -5.86 9.88
N GLN A 167 12.04 -6.04 11.20
CA GLN A 167 12.56 -7.30 11.74
C GLN A 167 11.59 -8.42 11.42
N GLY A 168 12.15 -9.54 10.95
CA GLY A 168 11.34 -10.72 10.58
C GLY A 168 10.86 -10.73 9.13
N MET A 169 11.00 -9.62 8.42
CA MET A 169 10.76 -9.65 6.99
C MET A 169 11.84 -10.54 6.33
N LYS A 170 11.51 -11.09 5.16
CA LYS A 170 12.42 -11.87 4.37
C LYS A 170 12.66 -11.19 3.05
N VAL A 171 13.86 -11.38 2.49
CA VAL A 171 14.21 -10.74 1.22
C VAL A 171 13.19 -11.17 0.15
N GLY A 172 12.67 -10.19 -0.56
CA GLY A 172 11.57 -10.39 -1.48
C GLY A 172 10.26 -9.90 -0.90
N GLY A 173 10.23 -9.74 0.42
CA GLY A 173 8.98 -9.37 1.09
C GLY A 173 8.55 -7.94 0.87
N VAL A 174 7.23 -7.73 0.89
CA VAL A 174 6.63 -6.40 0.89
C VAL A 174 5.67 -6.40 2.09
N ARG A 175 5.94 -5.53 3.05
CA ARG A 175 5.18 -5.43 4.32
C ARG A 175 4.69 -4.02 4.48
N ARG A 176 3.41 -3.91 4.84
CA ARG A 176 2.76 -2.61 5.02
C ARG A 176 2.73 -2.38 6.50
N LEU A 177 3.42 -1.33 6.93
CA LEU A 177 3.44 -0.92 8.32
C LEU A 177 2.45 0.22 8.56
N THR A 178 1.63 0.09 9.59
CA THR A 178 0.74 1.18 10.06
C THR A 178 1.24 1.58 11.45
N ILE A 179 1.83 2.79 11.52
CA ILE A 179 2.65 3.26 12.64
C ILE A 179 1.94 4.39 13.38
N PRO A 180 1.54 4.14 14.62
CA PRO A 180 0.85 5.19 15.40
C PRO A 180 1.91 6.22 15.80
N PRO A 181 1.47 7.44 16.11
CA PRO A 181 2.41 8.50 16.09
C PRO A 181 3.48 8.40 17.15
N GLN A 182 3.17 7.76 18.28
CA GLN A 182 4.19 7.57 19.33
C GLN A 182 5.33 6.61 18.92
N LEU A 183 5.13 5.84 17.84
CA LEU A 183 6.17 5.06 17.19
C LEU A 183 6.72 5.74 15.93
N GLY A 184 6.30 7.00 15.71
CA GLY A 184 6.72 7.77 14.54
C GLY A 184 7.36 9.06 14.99
N TYR A 185 6.75 10.19 14.61
CA TYR A 185 7.30 11.52 14.90
C TYR A 185 6.52 12.26 15.97
N GLY A 186 5.55 11.58 16.58
CA GLY A 186 4.84 12.10 17.74
C GLY A 186 4.19 13.47 17.50
N ALA A 187 4.20 14.31 18.55
CA ALA A 187 3.67 15.69 18.46
C ALA A 187 4.57 16.63 17.66
N ARG A 188 5.85 16.27 17.50
CA ARG A 188 6.80 17.15 16.82
C ARG A 188 6.48 17.20 15.33
N GLY A 189 6.11 16.07 14.77
CA GLY A 189 6.06 15.90 13.34
C GLY A 189 7.47 15.97 12.78
N ALA A 190 7.56 16.22 11.49
CA ALA A 190 8.84 16.35 10.83
C ALA A 190 8.72 17.55 9.93
N GLY A 191 9.58 18.53 10.16
CA GLY A 191 9.52 19.77 9.47
C GLY A 191 9.37 19.64 7.97
N GLY A 192 8.33 20.30 7.44
CA GLY A 192 8.07 20.27 6.02
C GLY A 192 7.22 19.11 5.56
N VAL A 193 7.09 18.04 6.36
CA VAL A 193 6.64 16.77 5.80
C VAL A 193 5.52 16.01 6.56
N ILE A 194 5.72 15.80 7.86
CA ILE A 194 4.77 15.01 8.66
C ILE A 194 4.11 15.89 9.73
N PRO A 195 2.78 15.93 9.75
CA PRO A 195 2.12 16.75 10.78
C PRO A 195 2.24 16.17 12.16
N PRO A 196 2.02 16.99 13.19
CA PRO A 196 1.87 16.51 14.56
C PRO A 196 0.82 15.39 14.66
N ASN A 197 1.13 14.35 15.42
CA ASN A 197 0.17 13.28 15.77
C ASN A 197 -0.34 12.43 14.60
N ALA A 198 0.51 12.31 13.56
CA ALA A 198 0.19 11.56 12.33
C ALA A 198 0.44 10.08 12.48
N THR A 199 -0.55 9.27 12.11
CA THR A 199 -0.35 7.85 11.82
C THR A 199 0.27 7.71 10.41
N LEU A 200 1.25 6.83 10.27
CA LEU A 200 2.00 6.71 9.03
C LEU A 200 1.78 5.32 8.47
N VAL A 201 1.59 5.26 7.16
CA VAL A 201 1.50 3.99 6.45
C VAL A 201 2.70 3.88 5.51
N PHE A 202 3.47 2.81 5.65
CA PHE A 202 4.59 2.54 4.76
C PHE A 202 4.43 1.19 4.10
N GLU A 203 4.79 1.11 2.82
CA GLU A 203 5.12 -0.16 2.21
C GLU A 203 6.63 -0.28 2.07
N VAL A 204 7.19 -1.31 2.68
CA VAL A 204 8.64 -1.60 2.66
C VAL A 204 8.88 -2.90 1.91
N GLU A 205 9.78 -2.83 0.93
CA GLU A 205 10.23 -3.99 0.17
C GLU A 205 11.69 -4.27 0.53
N LEU A 206 11.91 -5.43 1.13
CA LEU A 206 13.23 -5.84 1.55
C LEU A 206 14.04 -6.44 0.41
N LEU A 207 15.20 -5.82 0.15
CA LEU A 207 16.03 -6.13 -1.01
C LEU A 207 17.31 -6.89 -0.63
N ASP A 208 17.85 -6.58 0.54
CA ASP A 208 19.05 -7.27 1.00
C ASP A 208 19.21 -7.10 2.50
N VAL A 209 20.03 -7.95 3.13
CA VAL A 209 20.30 -7.86 4.56
C VAL A 209 21.81 -7.91 4.87
C1 FK5 B . 12.77 7.49 9.13
C2 FK5 B . 11.68 7.10 8.19
C3 FK5 B . 11.79 5.61 7.90
C4 FK5 B . 12.99 5.35 7.01
C5 FK5 B . 12.73 6.08 5.68
C6 FK5 B . 12.65 7.57 5.90
C8 FK5 B . 10.62 8.71 6.75
C9 FK5 B . 10.50 9.48 5.51
C10 FK5 B . 11.10 10.87 5.42
C11 FK5 B . 11.11 11.69 6.71
C12 FK5 B . 12.04 12.90 6.62
C13 FK5 B . 13.44 12.51 6.11
C14 FK5 B . 13.27 11.81 4.77
C15 FK5 B . 14.56 11.34 4.10
C16 FK5 B . 15.38 10.45 4.99
C17 FK5 B . 16.52 9.68 4.31
C18 FK5 B . 17.76 10.58 4.11
C19 FK5 B . 18.60 10.64 5.36
C20 FK5 B . 18.45 11.70 6.18
C21 FK5 B . 19.18 11.90 7.47
C22 FK5 B . 18.29 11.35 8.56
C23 FK5 B . 18.45 9.91 9.00
C24 FK5 B . 17.30 9.29 9.75
C25 FK5 B . 16.08 9.05 8.85
C26 FK5 B . 14.82 8.71 9.67
C27 FK5 B . 14.44 9.84 10.57
C28 FK5 B . 14.56 9.67 11.91
C29 FK5 B . 14.22 10.73 12.93
C30 FK5 B . 13.43 10.13 14.10
C31 FK5 B . 13.29 11.12 15.26
C32 FK5 B . 14.68 11.54 15.73
C33 FK5 B . 15.45 12.24 14.63
C34 FK5 B . 15.55 11.31 13.41
C35 FK5 B . 9.70 12.16 7.14
C36 FK5 B . 16.05 9.03 2.99
C37 FK5 B . 19.62 9.55 5.62
C38 FK5 B . 19.45 13.40 7.71
C39 FK5 B . 20.40 13.55 8.88
C39 FK5 B . 20.43 13.52 8.83
C40 FK5 B . 21.66 13.13 8.80
C40 FK5 B . 20.07 13.98 10.01
C41 FK5 B . 16.33 7.95 7.82
C42 FK5 B . 13.97 11.12 9.89
C43 FK5 B . 15.12 13.88 7.11
C44 FK5 B . 14.89 12.72 2.27
C45 FK5 B . 11.14 10.85 16.10
N7 FK5 B . 11.61 7.86 6.90
O1 FK5 B . 13.73 8.50 8.76
O2 FK5 B . 12.89 6.90 10.21
O3 FK5 B . 9.76 8.89 7.59
O4 FK5 B . 9.92 8.98 4.57
O5 FK5 B . 12.42 10.65 4.92
O6 FK5 B . 10.36 11.63 4.48
O7 FK5 B . 14.26 13.69 5.98
O8 FK5 B . 15.32 12.45 3.61
O9 FK5 B . 17.46 12.06 9.07
O10 FK5 B . 17.78 8.04 10.27
O11 FK5 B . 12.52 10.55 16.32
O12 FK5 B . 14.61 12.45 16.80
#